data_8YMV
#
_entry.id   8YMV
#
_cell.length_a   54.167
_cell.length_b   67.491
_cell.length_c   88.739
_cell.angle_alpha   90.000
_cell.angle_beta   90.000
_cell.angle_gamma   90.000
#
_symmetry.space_group_name_H-M   'P 21 21 21'
#
loop_
_entity.id
_entity.type
_entity.pdbx_description
1 polymer Glucanase
2 water water
#
_entity_poly.entity_id   1
_entity_poly.type   'polypeptide(L)'
_entity_poly.pdbx_seq_one_letter_code
;SANNPWTGFQIFLSPYYANEVAAAAKQITDPTLSSKAASVANIPTFTWLDSVAKIPDLGTYLASASALGKSTGTKQLVQI
VIYDLPDRDCAAKASNGEFSIANNGQANYENYIDQIVAQIQQFPDVRVVAVIEPDSLANLVTNLNVQKCANAKTTYLASV
NYALTNLAKVGVYMYMDAGHAGWLGWPANLSPAAQLFTQVWQNAGKSPFIKGLATNVANYNALQAASPDPITQGNPNYDE
IHYINALAPLLQQAGWDATFIVDQGKSGVQNIRQQWGDWCNIKGAGFGTRPTTNTGSQFIDSIVWVKPGGESDGTSNSSS
PRYDSTCSLPDAAQPAPEAGTWFQAYFQTLVSAANPPL
;
_entity_poly.pdbx_strand_id   A
#
# COMPACT_ATOMS: atom_id res chain seq x y z
N SER A 1 -1.16 20.81 2.01
N SER A 1 -2.04 19.98 1.46
CA SER A 1 -2.10 21.61 1.24
CA SER A 1 -2.26 21.41 1.30
C SER A 1 -3.31 22.02 2.11
C SER A 1 -3.59 21.81 1.92
N ALA A 2 -4.23 22.79 1.52
N ALA A 2 -4.30 22.75 1.28
CA ALA A 2 -5.44 23.18 2.24
CA ALA A 2 -5.56 23.33 1.79
C ALA A 2 -6.35 21.99 2.50
C ALA A 2 -6.72 22.33 1.86
N ASN A 3 -6.46 21.06 1.54
CA ASN A 3 -7.46 20.00 1.59
C ASN A 3 -6.75 18.67 1.85
N ASN A 4 -6.73 18.26 3.11
CA ASN A 4 -6.19 16.97 3.48
C ASN A 4 -7.34 15.97 3.43
N PRO A 5 -7.30 14.93 2.57
CA PRO A 5 -8.48 14.07 2.44
C PRO A 5 -9.01 13.48 3.74
N TRP A 6 -8.14 13.29 4.75
N TRP A 6 -8.14 13.31 4.74
CA TRP A 6 -8.56 12.63 5.97
CA TRP A 6 -8.49 12.65 5.99
C TRP A 6 -9.22 13.56 6.98
C TRP A 6 -9.10 13.58 7.04
N THR A 7 -8.85 14.84 7.03
N THR A 7 -8.99 14.90 6.88
CA THR A 7 -9.30 15.67 8.13
CA THR A 7 -9.55 15.80 7.88
C THR A 7 -10.82 15.74 8.14
C THR A 7 -11.07 15.79 7.83
N GLY A 8 -11.41 15.49 9.31
N GLY A 8 -11.70 15.67 9.00
CA GLY A 8 -12.85 15.54 9.46
CA GLY A 8 -13.15 15.75 9.10
C GLY A 8 -13.59 14.28 9.05
C GLY A 8 -13.88 14.48 8.76
N PHE A 9 -12.86 13.21 8.70
N PHE A 9 -13.18 13.36 8.59
CA PHE A 9 -13.46 11.96 8.29
CA PHE A 9 -13.76 12.07 8.23
C PHE A 9 -13.09 10.86 9.26
C PHE A 9 -13.36 11.02 9.26
N GLN A 10 -14.00 9.91 9.43
N GLN A 10 -14.20 9.99 9.36
CA GLN A 10 -13.74 8.69 10.17
CA GLN A 10 -13.86 8.77 10.09
C GLN A 10 -13.40 7.62 9.15
C GLN A 10 -13.47 7.70 9.09
N ILE A 11 -12.22 7.02 9.28
N ILE A 11 -12.40 6.95 9.39
CA ILE A 11 -11.86 5.95 8.36
CA ILE A 11 -11.86 5.96 8.47
C ILE A 11 -12.72 4.73 8.65
C ILE A 11 -12.50 4.60 8.71
N PHE A 12 -13.25 4.15 7.58
N PHE A 12 -13.19 4.08 7.68
CA PHE A 12 -13.88 2.84 7.65
CA PHE A 12 -13.88 2.80 7.77
C PHE A 12 -12.81 1.79 7.95
C PHE A 12 -12.88 1.66 7.88
N LEU A 13 -13.04 1.01 9.00
N LEU A 13 -12.94 0.90 8.97
CA LEU A 13 -12.08 -0.03 9.39
CA LEU A 13 -12.00 -0.19 9.20
C LEU A 13 -12.42 -1.34 8.68
C LEU A 13 -12.33 -1.38 8.31
N SER A 14 -11.45 -1.90 7.97
N SER A 14 -11.29 -2.02 7.78
CA SER A 14 -11.69 -3.12 7.22
CA SER A 14 -11.47 -3.18 6.91
C SER A 14 -12.25 -4.22 8.11
C SER A 14 -12.01 -4.37 7.70
N PRO A 15 -13.44 -4.75 7.83
N PRO A 15 -13.22 -4.87 7.39
CA PRO A 15 -13.92 -5.91 8.60
CA PRO A 15 -13.71 -6.06 8.10
C PRO A 15 -13.12 -7.16 8.30
C PRO A 15 -12.92 -7.32 7.78
N TYR A 16 -12.53 -7.26 7.10
N TYR A 16 -12.34 -7.40 6.58
CA TYR A 16 -11.72 -8.43 6.76
CA TYR A 16 -11.55 -8.56 6.20
C TYR A 16 -10.45 -8.46 7.60
C TYR A 16 -10.28 -8.65 7.04
N TYR A 17 -9.73 -7.34 7.68
N TYR A 17 -9.56 -7.54 7.16
CA TYR A 17 -8.54 -7.26 8.53
CA TYR A 17 -8.40 -7.50 8.04
C TYR A 17 -8.91 -7.45 9.99
C TYR A 17 -8.80 -7.75 9.49
N ALA A 18 -10.03 -6.86 10.42
N ALA A 18 -9.96 -7.23 9.91
CA ALA A 18 -10.44 -7.02 11.81
CA ALA A 18 -10.44 -7.45 11.27
C ALA A 18 -10.68 -8.49 12.14
C ALA A 18 -10.64 -8.92 11.57
N ASN A 19 -11.29 -9.24 11.21
N ASN A 19 -11.28 -9.66 10.65
CA ASN A 19 -11.54 -10.66 11.45
CA ASN A 19 -11.44 -11.10 10.84
C ASN A 19 -10.24 -11.46 11.49
C ASN A 19 -10.11 -11.82 10.78
N GLU A 20 -9.30 -11.15 10.59
N GLU A 20 -9.23 -11.42 9.85
CA GLU A 20 -7.99 -11.83 10.61
CA GLU A 20 -7.87 -11.97 9.81
C GLU A 20 -7.27 -11.57 11.92
C GLU A 20 -7.19 -11.78 11.15
N VAL A 21 -7.29 -10.32 12.37
N VAL A 21 -7.30 -10.58 11.73
CA VAL A 21 -6.58 -9.93 13.60
CA VAL A 21 -6.59 -10.24 12.96
C VAL A 21 -7.20 -10.60 14.81
C VAL A 21 -7.19 -10.97 14.15
N ALA A 22 -8.54 -10.60 14.91
N ALA A 22 -8.53 -11.00 14.25
CA ALA A 22 -9.20 -11.23 16.05
CA ALA A 22 -9.17 -11.67 15.38
C ALA A 22 -8.86 -12.72 16.13
C ALA A 22 -8.83 -13.16 15.41
N ALA A 23 -8.89 -13.42 15.00
N ALA A 23 -8.87 -13.81 14.25
CA ALA A 23 -8.51 -14.83 14.99
CA ALA A 23 -8.50 -15.22 14.16
C ALA A 23 -7.05 -15.02 15.35
C ALA A 23 -7.03 -15.43 14.46
N ALA A 24 -6.19 -14.07 14.96
N ALA A 24 -6.19 -14.44 14.14
CA ALA A 24 -4.77 -14.15 15.26
CA ALA A 24 -4.77 -14.55 14.44
C ALA A 24 -4.52 -13.93 16.75
C ALA A 24 -4.51 -14.36 15.93
N ALA A 25 -5.26 -13.01 17.37
N ALA A 25 -5.23 -13.44 16.57
CA ALA A 25 -5.10 -12.76 18.80
CA ALA A 25 -5.03 -13.18 18.00
C ALA A 25 -5.45 -13.99 19.61
C ALA A 25 -5.46 -14.35 18.86
N LYS A 26 -6.38 -14.80 19.13
N LYS A 26 -6.33 -15.23 18.36
CA LYS A 26 -6.72 -16.06 19.79
CA LYS A 26 -6.80 -16.38 19.12
C LYS A 26 -5.58 -17.07 19.71
C LYS A 26 -5.66 -17.24 19.62
N GLN A 27 -4.80 -17.05 18.63
N GLN A 27 -4.49 -17.13 19.00
CA GLN A 27 -3.73 -18.03 18.40
CA GLN A 27 -3.39 -18.08 19.20
C GLN A 27 -2.38 -17.63 19.01
C GLN A 27 -2.24 -17.52 20.00
N ILE A 28 -2.27 -16.43 19.55
N ILE A 28 -2.27 -16.25 20.37
CA ILE A 28 -1.03 -15.97 20.17
CA ILE A 28 -1.23 -15.66 21.20
C ILE A 28 -0.95 -16.53 21.59
C ILE A 28 -1.58 -15.91 22.66
N THR A 29 0.16 -17.22 21.91
N THR A 29 -0.56 -16.20 23.48
CA THR A 29 0.21 -17.97 23.17
CA THR A 29 -0.79 -16.73 24.82
C THR A 29 0.36 -17.09 24.39
C THR A 29 -0.73 -15.67 25.91
N ASP A 30 0.97 -15.91 24.26
N ASP A 30 0.28 -14.80 25.88
CA ASP A 30 1.09 -15.03 25.42
CA ASP A 30 0.46 -13.84 26.97
C ASP A 30 -0.19 -14.21 25.58
C ASP A 30 -0.75 -12.91 27.02
N PRO A 31 -0.78 -14.19 26.78
N PRO A 31 -1.33 -12.67 28.20
CA PRO A 31 -2.04 -13.45 26.95
CA PRO A 31 -2.56 -11.87 28.27
C PRO A 31 -1.89 -11.93 26.85
C PRO A 31 -2.46 -10.52 27.58
N THR A 32 -0.78 -11.37 27.34
N THR A 32 -1.27 -9.94 27.55
CA THR A 32 -0.61 -9.91 27.32
CA THR A 32 -1.11 -8.66 26.86
C THR A 32 -0.30 -9.41 25.92
C THR A 32 -0.97 -8.86 25.35
N LEU A 33 0.46 -10.17 25.15
N LEU A 33 -0.05 -9.73 24.92
CA LEU A 33 0.63 -9.86 23.73
CA LEU A 33 0.29 -9.80 23.50
C LEU A 33 -0.71 -9.87 23.03
C LEU A 33 -0.86 -10.32 22.65
N SER A 34 -1.66 -10.65 23.55
N SER A 34 -1.62 -11.30 23.15
CA SER A 34 -2.93 -10.85 22.88
CA SER A 34 -2.85 -11.70 22.47
C SER A 34 -3.77 -9.59 22.88
C SER A 34 -3.84 -10.54 22.41
N SER A 35 -3.79 -8.85 23.99
N SER A 35 -4.06 -9.88 23.54
CA SER A 35 -4.58 -7.62 24.05
CA SER A 35 -4.97 -8.74 23.56
C SER A 35 -4.04 -6.57 23.07
C SER A 35 -4.46 -7.60 22.68
N LYS A 36 -2.70 -6.41 23.04
N LYS A 36 -3.15 -7.39 22.68
CA LYS A 36 -2.07 -5.54 22.06
CA LYS A 36 -2.57 -6.34 21.85
C LYS A 36 -2.41 -5.98 20.64
C LYS A 36 -2.75 -6.65 20.37
N ALA A 37 -2.27 -7.28 20.38
N ALA A 37 -2.61 -7.92 19.99
CA ALA A 37 -2.59 -7.82 19.06
CA ALA A 37 -2.85 -8.32 18.61
C ALA A 37 -4.03 -7.54 18.68
C ALA A 37 -4.29 -8.07 18.21
N ALA A 38 -4.97 -7.77 19.61
N ALA A 38 -5.24 -8.39 19.10
CA ALA A 38 -6.38 -7.57 19.29
CA ALA A 38 -6.65 -8.16 18.80
C ALA A 38 -6.67 -6.12 18.93
C ALA A 38 -6.91 -6.69 18.49
N SER A 39 -5.95 -5.19 19.55
N SER A 39 -6.24 -5.78 19.20
CA SER A 39 -6.18 -3.77 19.32
CA SER A 39 -6.46 -4.35 18.99
C SER A 39 -5.81 -3.35 17.90
C SER A 39 -6.03 -3.89 17.60
N VAL A 40 -5.03 -4.17 17.19
N VAL A 40 -5.24 -4.68 16.88
CA VAL A 40 -4.67 -3.85 15.82
CA VAL A 40 -4.79 -4.29 15.54
C VAL A 40 -5.89 -3.77 14.91
C VAL A 40 -5.97 -4.15 14.59
N ALA A 41 -6.99 -4.45 15.26
N ALA A 41 -7.06 -4.87 14.85
CA ALA A 41 -8.22 -4.40 14.47
CA ALA A 41 -8.25 -4.75 14.01
C ALA A 41 -8.81 -2.98 14.42
C ALA A 41 -8.87 -3.36 14.05
N ASN A 42 -8.43 -2.10 15.34
N ASN A 42 -8.47 -2.52 15.01
CA ASN A 42 -8.88 -0.73 15.38
CA ASN A 42 -8.96 -1.16 15.11
C ASN A 42 -7.99 0.22 14.60
C ASN A 42 -8.05 -0.14 14.45
N ILE A 43 -6.96 -0.30 13.94
N ILE A 43 -6.97 -0.56 13.81
CA ILE A 43 -5.99 0.51 13.21
CA ILE A 43 -6.02 0.34 13.14
C ILE A 43 -6.34 0.44 11.72
C ILE A 43 -6.38 0.37 11.66
N PRO A 44 -6.60 1.56 11.07
CA PRO A 44 -7.07 1.54 9.68
C PRO A 44 -5.99 1.09 8.70
N THR A 45 -6.40 0.24 7.77
CA THR A 45 -5.56 -0.27 6.69
C THR A 45 -6.26 -0.04 5.35
N PHE A 46 -5.51 -0.24 4.26
CA PHE A 46 -6.08 -0.17 2.92
C PHE A 46 -6.55 -1.55 2.47
N THR A 47 -7.67 -1.58 1.73
N THR A 47 -7.65 -1.60 1.73
CA THR A 47 -8.22 -2.78 1.10
CA THR A 47 -8.14 -2.83 1.16
C THR A 47 -7.64 -2.90 -0.31
C THR A 47 -7.68 -2.93 -0.28
N TRP A 48 -6.98 -4.01 -0.60
CA TRP A 48 -6.36 -4.17 -1.92
C TRP A 48 -7.34 -4.81 -2.89
N LEU A 49 -7.65 -4.08 -3.96
CA LEU A 49 -8.49 -4.61 -5.03
C LEU A 49 -7.56 -5.27 -6.04
N ASP A 50 -7.07 -6.45 -5.64
N ASP A 50 -7.03 -6.43 -5.65
CA ASP A 50 -6.02 -7.14 -6.40
CA ASP A 50 -6.00 -7.08 -6.46
C ASP A 50 -6.58 -8.08 -7.46
C ASP A 50 -6.59 -7.96 -7.57
N SER A 51 -7.90 -8.11 -7.61
CA SER A 51 -8.56 -8.87 -8.66
C SER A 51 -9.98 -8.35 -8.81
N VAL A 52 -10.61 -8.68 -9.96
CA VAL A 52 -12.02 -8.34 -10.17
CA VAL A 52 -12.01 -8.32 -10.14
C VAL A 52 -12.89 -8.97 -9.10
N ALA A 53 -12.49 -10.14 -8.57
CA ALA A 53 -13.27 -10.80 -7.53
C ALA A 53 -13.40 -9.95 -6.26
N LYS A 54 -12.52 -8.96 -6.06
CA LYS A 54 -12.61 -8.11 -4.89
C LYS A 54 -13.54 -6.92 -5.09
N ILE A 55 -13.99 -6.64 -6.32
CA ILE A 55 -14.82 -5.46 -6.54
C ILE A 55 -16.13 -5.51 -5.78
N PRO A 56 -16.83 -6.64 -5.68
CA PRO A 56 -18.03 -6.65 -4.84
C PRO A 56 -17.73 -6.34 -3.40
N ASP A 57 -16.54 -6.66 -2.89
CA ASP A 57 -16.18 -6.29 -1.53
CA ASP A 57 -16.23 -6.27 -1.53
C ASP A 57 -16.13 -4.77 -1.39
N LEU A 58 -15.55 -4.08 -2.38
CA LEU A 58 -15.58 -2.62 -2.39
C LEU A 58 -17.01 -2.11 -2.25
N GLY A 59 -17.93 -2.68 -3.03
CA GLY A 59 -19.32 -2.26 -2.93
C GLY A 59 -19.87 -2.43 -1.52
N THR A 60 -19.60 -3.58 -0.89
CA THR A 60 -20.09 -3.76 0.47
C THR A 60 -19.46 -2.76 1.42
N TYR A 61 -18.17 -2.45 1.25
CA TYR A 61 -17.54 -1.53 2.19
CA TYR A 61 -17.51 -1.52 2.16
C TYR A 61 -18.10 -0.12 2.03
N LEU A 62 -18.35 0.30 0.80
CA LEU A 62 -18.96 1.62 0.58
C LEU A 62 -20.33 1.69 1.24
N ALA A 63 -21.16 0.67 1.03
CA ALA A 63 -22.52 0.68 1.59
C ALA A 63 -22.48 0.61 3.11
N SER A 64 -21.59 -0.21 3.67
CA SER A 64 -21.46 -0.29 5.12
C SER A 64 -20.99 1.04 5.69
N ALA A 65 -19.96 1.63 5.09
N ALA A 65 -20.05 1.70 5.00
CA ALA A 65 -19.45 2.90 5.59
CA ALA A 65 -19.59 3.02 5.42
C ALA A 65 -20.55 3.96 5.58
C ALA A 65 -20.70 4.05 5.34
N SER A 66 -21.32 4.02 4.49
N SER A 66 -21.50 4.00 4.26
CA SER A 66 -22.39 5.01 4.40
CA SER A 66 -22.61 4.93 4.16
C SER A 66 -23.38 4.85 5.55
C SER A 66 -23.53 4.84 5.37
N ALA A 67 -23.90 3.64 5.73
N ALA A 67 -23.72 3.62 5.91
CA ALA A 67 -24.81 3.40 6.84
CA ALA A 67 -24.64 3.41 7.03
C ALA A 67 -24.18 3.79 8.17
C ALA A 67 -23.98 3.66 8.39
N LEU A 68 -22.90 3.47 8.37
N LEU A 68 -22.70 3.32 8.53
CA LEU A 68 -22.24 3.83 9.61
CA LEU A 68 -22.00 3.60 9.78
C LEU A 68 -22.16 5.34 9.76
C LEU A 68 -21.93 5.09 10.04
N GLY A 69 -21.89 6.05 8.65
N GLY A 69 -21.68 5.88 9.00
CA GLY A 69 -21.90 7.50 8.70
CA GLY A 69 -21.61 7.32 9.18
C GLY A 69 -23.26 8.06 9.10
C GLY A 69 -22.92 7.92 9.66
N LYS A 70 -24.34 7.50 8.54
N LYS A 70 -24.04 7.48 9.07
CA LYS A 70 -25.67 7.99 8.89
CA LYS A 70 -25.33 7.96 9.52
C LYS A 70 -26.02 7.66 10.34
C LYS A 70 -25.61 7.54 10.97
N SER A 71 -25.60 6.50 10.83
N SER A 71 -25.20 6.32 11.33
CA SER A 71 -25.89 6.11 12.22
CA SER A 71 -25.48 5.81 12.67
C SER A 71 -25.20 7.02 13.22
C SER A 71 -24.66 6.53 13.73
N THR A 72 -23.95 7.40 12.93
N THR A 72 -23.48 7.06 13.36
CA THR A 72 -23.09 8.16 13.85
CA THR A 72 -22.55 7.64 14.32
C THR A 72 -23.07 9.65 13.56
C THR A 72 -22.38 9.15 14.15
N GLY A 73 -23.66 10.09 12.45
N GLY A 73 -23.08 9.77 13.22
CA GLY A 73 -23.61 11.48 12.06
CA GLY A 73 -22.89 11.19 12.98
C GLY A 73 -22.30 11.94 11.49
C GLY A 73 -21.48 11.52 12.50
N THR A 74 -21.46 11.02 11.01
N THR A 74 -20.95 10.71 11.59
CA THR A 74 -20.13 11.33 10.56
CA THR A 74 -19.61 10.92 11.04
C THR A 74 -20.02 11.11 9.06
C THR A 74 -19.66 10.82 9.52
N LYS A 75 -18.95 11.65 8.48
N LYS A 75 -18.65 11.43 8.90
CA LYS A 75 -18.58 11.39 7.09
CA LYS A 75 -18.39 11.27 7.49
C LYS A 75 -17.48 10.32 7.08
C LYS A 75 -17.35 10.17 7.35
N GLN A 76 -17.71 9.23 6.36
N GLN A 76 -17.59 9.25 6.43
CA GLN A 76 -16.79 8.09 6.37
CA GLN A 76 -16.79 8.04 6.33
C GLN A 76 -15.89 8.06 5.13
C GLN A 76 -15.87 8.08 5.12
N LEU A 77 -14.72 7.44 5.28
CA LEU A 77 -13.69 7.37 4.25
C LEU A 77 -13.22 5.94 4.09
N VAL A 78 -13.26 5.42 2.86
CA VAL A 78 -12.85 4.07 2.53
C VAL A 78 -11.52 4.14 1.77
N GLN A 79 -10.57 3.30 2.20
CA GLN A 79 -9.20 3.29 1.70
C GLN A 79 -8.96 2.06 0.84
N ILE A 80 -8.58 2.26 -0.43
CA ILE A 80 -8.41 1.16 -1.37
C ILE A 80 -7.08 1.25 -2.10
N VAL A 81 -6.62 0.10 -2.59
CA VAL A 81 -5.49 0.01 -3.50
C VAL A 81 -5.97 -0.54 -4.83
N ILE A 82 -5.67 0.18 -5.90
CA ILE A 82 -5.90 -0.27 -7.27
C ILE A 82 -4.66 -1.07 -7.66
N TYR A 83 -4.81 -2.39 -7.88
CA TYR A 83 -3.63 -3.26 -8.04
CA TYR A 83 -3.65 -3.25 -8.02
C TYR A 83 -3.99 -4.45 -8.92
N ASP A 84 -4.19 -4.19 -10.23
CA ASP A 84 -4.52 -5.29 -11.13
C ASP A 84 -3.99 -5.06 -12.54
N LEU A 85 -2.85 -4.38 -12.70
CA LEU A 85 -2.35 -4.11 -14.03
C LEU A 85 -2.10 -5.41 -14.80
N PRO A 86 -2.27 -5.38 -16.12
CA PRO A 86 -1.78 -6.50 -16.94
C PRO A 86 -0.27 -6.61 -16.85
N ASP A 87 0.24 -7.83 -16.87
CA ASP A 87 1.68 -8.07 -16.70
C ASP A 87 2.19 -7.36 -15.43
N ARG A 88 1.42 -7.51 -14.35
CA ARG A 88 1.69 -6.89 -13.06
CA ARG A 88 1.71 -6.87 -13.08
C ARG A 88 3.08 -7.27 -12.54
N ASP A 89 3.72 -6.32 -11.87
CA ASP A 89 5.02 -6.56 -11.22
C ASP A 89 6.07 -7.04 -12.22
N CYS A 90 6.32 -6.21 -13.23
CA CYS A 90 7.09 -6.66 -14.39
C CYS A 90 8.53 -7.07 -14.08
N ALA A 91 9.13 -6.56 -13.00
N ALA A 91 9.11 -6.54 -13.00
CA ALA A 91 10.52 -6.85 -12.68
CA ALA A 91 10.50 -6.86 -12.67
C ALA A 91 10.67 -7.97 -11.65
C ALA A 91 10.62 -8.07 -11.77
N ALA A 92 9.57 -8.62 -11.29
N ALA A 92 9.55 -8.43 -11.05
CA ALA A 92 9.59 -9.72 -10.34
CA ALA A 92 9.57 -9.58 -10.18
C ALA A 92 10.11 -10.97 -11.00
C ALA A 92 9.65 -10.86 -10.99
N LYS A 93 10.41 -11.98 -10.19
N LYS A 93 10.20 -11.91 -10.36
CA LYS A 93 11.00 -13.23 -10.66
CA LYS A 93 10.24 -13.21 -11.02
C LYS A 93 9.95 -14.27 -11.03
C LYS A 93 8.86 -13.80 -11.22
N ALA A 94 8.67 -13.96 -10.85
N ALA A 94 7.86 -13.38 -10.43
CA ALA A 94 7.58 -14.77 -11.38
CA ALA A 94 6.55 -14.01 -10.50
C ALA A 94 6.45 -13.82 -11.78
C ALA A 94 5.48 -13.09 -9.92
N SER A 95 5.57 -14.31 -12.65
N SER A 95 4.33 -13.08 -10.57
CA SER A 95 4.37 -13.54 -12.96
CA SER A 95 3.24 -12.19 -10.20
C SER A 95 3.33 -13.72 -11.85
C SER A 95 1.94 -12.97 -10.02
N ASN A 96 2.41 -12.76 -11.76
N ASN A 96 1.04 -12.41 -9.23
CA ASN A 96 1.28 -12.87 -10.85
CA ASN A 96 -0.29 -12.95 -9.04
C ASN A 96 0.17 -11.95 -11.35
C ASN A 96 -1.35 -12.22 -9.86
N GLY A 97 -1.06 -12.22 -10.93
N GLY A 97 -0.94 -11.39 -10.82
CA GLY A 97 -2.18 -11.40 -11.33
CA GLY A 97 -1.89 -10.61 -11.59
C GLY A 97 -2.95 -11.99 -12.51
C GLY A 97 -2.66 -11.47 -12.58
N GLU A 98 -4.24 -11.61 -12.62
N GLU A 98 -3.99 -11.34 -12.58
CA GLU A 98 -5.14 -12.26 -13.55
CA GLU A 98 -4.83 -12.19 -13.42
C GLU A 98 -5.04 -11.73 -14.98
C GLU A 98 -4.83 -11.80 -14.89
N PHE A 99 -4.42 -10.58 -15.22
CA PHE A 99 -4.45 -10.03 -16.57
C PHE A 99 -3.06 -10.05 -17.21
N SER A 100 -3.04 -10.32 -18.51
CA SER A 100 -1.82 -10.31 -19.29
C SER A 100 -1.99 -9.42 -20.51
N ILE A 101 -0.90 -8.73 -20.86
CA ILE A 101 -0.92 -7.84 -22.01
C ILE A 101 -1.33 -8.60 -23.27
N ALA A 102 -0.82 -9.83 -23.42
CA ALA A 102 -1.04 -10.63 -24.61
C ALA A 102 -2.49 -11.09 -24.76
N ASN A 103 -3.28 -11.10 -23.70
CA ASN A 103 -4.67 -11.54 -23.72
CA ASN A 103 -4.67 -11.53 -23.75
C ASN A 103 -5.57 -10.36 -23.33
N ASN A 104 -5.67 -9.36 -24.20
CA ASN A 104 -6.64 -8.28 -24.00
CA ASN A 104 -6.60 -8.22 -24.04
C ASN A 104 -6.43 -7.55 -22.67
N GLY A 105 -5.17 -7.36 -22.27
N GLY A 105 -5.19 -7.55 -22.15
CA GLY A 105 -4.91 -6.75 -20.99
CA GLY A 105 -4.98 -7.18 -20.76
C GLY A 105 -5.57 -5.39 -20.83
C GLY A 105 -5.41 -5.76 -20.44
N GLN A 106 -5.37 -4.51 -21.80
N GLN A 106 -5.01 -4.81 -21.29
CA GLN A 106 -5.85 -3.13 -21.68
CA GLN A 106 -5.42 -3.44 -21.08
C GLN A 106 -7.37 -3.08 -21.51
C GLN A 106 -6.93 -3.29 -21.12
N ALA A 107 -8.09 -3.76 -22.40
N ALA A 107 -7.60 -3.93 -22.08
CA ALA A 107 -9.55 -3.82 -22.27
CA ALA A 107 -9.05 -3.79 -22.19
C ALA A 107 -9.96 -4.45 -20.95
C ALA A 107 -9.76 -4.38 -20.96
N ASN A 108 -9.26 -5.52 -20.51
CA ASN A 108 -9.71 -6.16 -19.28
C ASN A 108 -9.49 -5.25 -18.08
N TYR A 109 -8.37 -4.54 -18.04
CA TYR A 109 -8.09 -3.62 -16.95
C TYR A 109 -9.06 -2.45 -16.97
N GLU A 110 -9.36 -1.93 -18.15
CA GLU A 110 -10.35 -0.85 -18.28
CA GLU A 110 -10.31 -0.84 -18.20
C GLU A 110 -11.69 -1.28 -17.73
N ASN A 111 -12.07 -2.54 -18.00
CA ASN A 111 -13.34 -3.03 -17.49
C ASN A 111 -13.31 -3.19 -15.96
N TYR A 112 -12.14 -3.60 -15.41
CA TYR A 112 -11.94 -3.61 -13.96
C TYR A 112 -12.14 -2.22 -13.37
N ILE A 113 -11.53 -1.19 -13.97
CA ILE A 113 -11.76 0.18 -13.51
C ILE A 113 -13.22 0.56 -13.64
N ASP A 114 -13.85 0.22 -14.78
CA ASP A 114 -15.25 0.61 -14.97
C ASP A 114 -16.14 0.02 -13.88
N GLN A 115 -15.85 -1.22 -13.48
N GLN A 115 -15.88 -1.23 -13.48
CA GLN A 115 -16.64 -1.87 -12.44
CA GLN A 115 -16.70 -1.83 -12.43
C GLN A 115 -16.44 -1.18 -11.09
C GLN A 115 -16.45 -1.15 -11.07
N ILE A 116 -15.21 -0.74 -10.82
CA ILE A 116 -14.92 0.01 -9.59
C ILE A 116 -15.64 1.35 -9.59
N VAL A 117 -15.55 2.09 -10.71
CA VAL A 117 -16.23 3.37 -10.83
C VAL A 117 -17.73 3.19 -10.62
N ALA A 118 -18.30 2.13 -11.21
N ALA A 118 -18.28 2.07 -11.10
CA ALA A 118 -19.75 1.94 -11.15
CA ALA A 118 -19.71 1.80 -10.90
C ALA A 118 -20.20 1.68 -9.72
C ALA A 118 -20.07 1.74 -9.42
N GLN A 119 -19.35 1.05 -8.91
N GLN A 119 -19.23 1.10 -8.61
CA GLN A 119 -19.64 0.94 -7.48
CA GLN A 119 -19.51 0.96 -7.17
C GLN A 119 -19.58 2.30 -6.81
C GLN A 119 -19.40 2.32 -6.46
N ILE A 120 -18.46 3.02 -6.99
N ILE A 120 -18.29 3.02 -6.66
CA ILE A 120 -18.22 4.27 -6.27
CA ILE A 120 -18.04 4.25 -5.92
C ILE A 120 -19.30 5.30 -6.61
C ILE A 120 -19.12 5.29 -6.22
N GLN A 121 -19.77 5.30 -7.86
N GLN A 121 -19.60 5.35 -7.46
CA GLN A 121 -20.80 6.22 -8.31
CA GLN A 121 -20.60 6.35 -7.83
C GLN A 121 -22.08 6.13 -7.47
C GLN A 121 -21.93 6.16 -7.09
N GLN A 122 -22.35 4.96 -6.89
N GLN A 122 -22.24 4.92 -6.68
CA GLN A 122 -23.60 4.76 -6.17
CA GLN A 122 -23.50 4.65 -5.99
C GLN A 122 -23.57 5.29 -4.74
C GLN A 122 -23.52 5.16 -4.56
N PHE A 123 -22.40 5.65 -4.20
N PHE A 123 -22.40 5.67 -4.06
CA PHE A 123 -22.26 6.00 -2.79
CA PHE A 123 -22.29 6.16 -2.69
C PHE A 123 -21.56 7.35 -2.62
C PHE A 123 -21.57 7.51 -2.69
N PRO A 124 -22.18 8.43 -3.11
N PRO A 124 -22.24 8.56 -3.17
CA PRO A 124 -21.50 9.74 -3.12
CA PRO A 124 -21.62 9.90 -3.11
C PRO A 124 -21.29 10.34 -1.73
C PRO A 124 -21.26 10.35 -1.71
N ASP A 125 -21.95 9.83 -0.69
CA ASP A 125 -21.72 10.36 0.65
CA ASP A 125 -21.76 10.30 0.69
C ASP A 125 -20.53 9.71 1.35
N VAL A 126 -19.80 8.82 0.68
CA VAL A 126 -18.60 8.18 1.21
C VAL A 126 -17.40 8.70 0.43
N ARG A 127 -16.37 9.15 1.14
CA ARG A 127 -15.12 9.55 0.50
C ARG A 127 -14.26 8.32 0.26
N VAL A 128 -13.52 8.32 -0.85
CA VAL A 128 -12.62 7.22 -1.19
C VAL A 128 -11.22 7.79 -1.41
N VAL A 129 -10.22 7.17 -0.80
CA VAL A 129 -8.81 7.42 -1.10
C VAL A 129 -8.25 6.15 -1.72
N ALA A 130 -7.58 6.31 -2.86
CA ALA A 130 -7.00 5.18 -3.57
C ALA A 130 -5.50 5.38 -3.79
N VAL A 131 -4.73 4.33 -3.47
CA VAL A 131 -3.34 4.22 -3.92
C VAL A 131 -3.35 3.53 -5.28
N ILE A 132 -2.68 4.14 -6.26
CA ILE A 132 -2.73 3.67 -7.63
C ILE A 132 -1.50 2.82 -7.94
N GLU A 133 -1.70 1.50 -8.06
CA GLU A 133 -0.80 0.53 -8.66
C GLU A 133 0.61 0.51 -8.08
N PRO A 134 0.77 -0.01 -6.87
CA PRO A 134 2.11 -0.29 -6.34
C PRO A 134 2.93 -1.10 -7.33
N ASP A 135 4.24 -0.87 -7.32
CA ASP A 135 5.18 -1.68 -8.10
C ASP A 135 4.85 -1.63 -9.60
N SER A 136 4.52 -0.43 -10.10
CA SER A 136 4.23 -0.26 -11.52
C SER A 136 5.11 0.81 -12.14
N LEU A 137 4.69 2.07 -12.02
CA LEU A 137 5.39 3.22 -12.64
CA LEU A 137 5.42 3.13 -12.71
C LEU A 137 6.86 3.28 -12.22
N ALA A 138 7.17 2.93 -10.97
CA ALA A 138 8.56 3.02 -10.54
C ALA A 138 9.47 2.14 -11.39
N ASN A 139 8.95 1.01 -11.90
CA ASN A 139 9.74 0.16 -12.79
C ASN A 139 10.08 0.86 -14.10
N LEU A 140 9.24 1.80 -14.52
CA LEU A 140 9.48 2.50 -15.78
C LEU A 140 10.51 3.62 -15.62
N VAL A 141 10.96 3.86 -14.40
CA VAL A 141 12.11 4.74 -14.19
C VAL A 141 13.40 3.96 -14.26
N THR A 142 13.54 2.88 -13.48
CA THR A 142 14.83 2.24 -13.31
C THR A 142 14.97 0.88 -13.98
N ASN A 143 13.87 0.26 -14.40
N ASN A 143 13.86 0.25 -14.40
CA ASN A 143 13.90 -1.14 -14.83
CA ASN A 143 13.87 -1.17 -14.74
C ASN A 143 13.50 -1.30 -16.29
C ASN A 143 13.52 -1.43 -16.21
N LEU A 144 13.73 -0.28 -17.13
N LEU A 144 13.71 -0.44 -17.09
CA LEU A 144 13.46 -0.46 -18.55
CA LEU A 144 13.31 -0.61 -18.48
C LEU A 144 14.39 -1.45 -19.23
C LEU A 144 14.18 -1.62 -19.22
N ASN A 145 15.45 -1.91 -18.54
N ASN A 145 15.40 -1.90 -18.73
CA ASN A 145 16.30 -2.97 -19.06
CA ASN A 145 16.20 -2.96 -19.33
C ASN A 145 15.75 -4.37 -18.81
C ASN A 145 15.59 -4.33 -19.09
N VAL A 146 14.73 -4.50 -17.96
N VAL A 146 14.76 -4.47 -18.05
CA VAL A 146 13.98 -5.74 -17.83
CA VAL A 146 13.97 -5.69 -17.90
C VAL A 146 13.01 -5.81 -19.02
C VAL A 146 13.01 -5.79 -19.07
N GLN A 147 13.14 -6.85 -19.85
CA GLN A 147 12.37 -6.88 -21.07
CA GLN A 147 12.36 -7.00 -21.08
C GLN A 147 10.86 -6.89 -20.79
N LYS A 148 10.41 -7.58 -19.75
CA LYS A 148 8.99 -7.56 -19.43
C LYS A 148 8.52 -6.15 -19.10
N CYS A 149 9.37 -5.35 -18.44
CA CYS A 149 9.00 -3.96 -18.15
C CYS A 149 9.01 -3.10 -19.40
N ALA A 150 10.05 -3.22 -20.23
CA ALA A 150 10.07 -2.47 -21.49
C ALA A 150 8.82 -2.79 -22.30
N ASN A 151 8.44 -4.05 -22.37
N ASN A 151 8.46 -4.07 -22.38
CA ASN A 151 7.29 -4.42 -23.19
CA ASN A 151 7.29 -4.49 -23.15
C ASN A 151 5.96 -4.09 -22.51
C ASN A 151 6.00 -3.97 -22.53
N ALA A 152 5.96 -3.81 -21.21
CA ALA A 152 4.77 -3.39 -20.50
C ALA A 152 4.60 -1.88 -20.43
N LYS A 153 5.63 -1.11 -20.80
N LYS A 153 5.62 -1.12 -20.83
CA LYS A 153 5.62 0.33 -20.54
CA LYS A 153 5.65 0.33 -20.57
C LYS A 153 4.36 1.00 -21.06
C LYS A 153 4.39 1.02 -21.07
N THR A 154 4.04 0.80 -22.34
CA THR A 154 2.88 1.52 -22.88
C THR A 154 1.58 1.08 -22.21
N THR A 155 1.47 -0.20 -21.83
CA THR A 155 0.26 -0.67 -21.17
C THR A 155 0.15 -0.12 -19.76
N TYR A 156 1.26 -0.12 -19.01
CA TYR A 156 1.21 0.46 -17.67
C TYR A 156 0.76 1.92 -17.73
N LEU A 157 1.35 2.69 -18.65
CA LEU A 157 1.01 4.10 -18.74
C LEU A 157 -0.44 4.30 -19.15
N ALA A 158 -0.92 3.52 -20.13
CA ALA A 158 -2.30 3.68 -20.59
C ALA A 158 -3.29 3.25 -19.51
N SER A 159 -2.96 2.16 -18.81
CA SER A 159 -3.87 1.62 -17.81
C SER A 159 -3.95 2.53 -16.59
N VAL A 160 -2.78 2.97 -16.08
CA VAL A 160 -2.78 3.95 -15.00
C VAL A 160 -3.53 5.21 -15.42
N ASN A 161 -3.31 5.67 -16.65
CA ASN A 161 -4.04 6.85 -17.13
C ASN A 161 -5.54 6.63 -17.08
N TYR A 162 -6.01 5.44 -17.51
CA TYR A 162 -7.44 5.16 -17.50
C TYR A 162 -7.99 5.21 -16.08
N ALA A 163 -7.27 4.61 -15.14
CA ALA A 163 -7.67 4.63 -13.74
C ALA A 163 -7.77 6.06 -13.21
N LEU A 164 -6.73 6.87 -13.42
CA LEU A 164 -6.76 8.24 -12.91
C LEU A 164 -7.90 9.03 -13.53
N THR A 165 -8.04 8.92 -14.85
CA THR A 165 -9.02 9.72 -15.59
C THR A 165 -10.44 9.40 -15.13
N ASN A 166 -10.72 8.11 -14.94
CA ASN A 166 -12.09 7.69 -14.64
C ASN A 166 -12.42 7.72 -13.16
N LEU A 167 -11.46 7.41 -12.27
CA LEU A 167 -11.72 7.57 -10.85
C LEU A 167 -11.89 9.05 -10.49
N ALA A 168 -11.23 9.96 -11.21
CA ALA A 168 -11.43 11.38 -10.95
C ALA A 168 -12.88 11.80 -11.16
N LYS A 169 -13.58 11.14 -12.10
CA LYS A 169 -14.96 11.52 -12.42
C LYS A 169 -15.92 11.23 -11.28
N VAL A 170 -15.53 10.37 -10.35
CA VAL A 170 -16.32 10.08 -9.16
C VAL A 170 -15.63 10.62 -7.90
N GLY A 171 -14.68 11.54 -8.06
CA GLY A 171 -14.17 12.30 -6.94
C GLY A 171 -13.28 11.55 -5.99
N VAL A 172 -12.63 10.49 -6.46
CA VAL A 172 -11.72 9.70 -5.65
C VAL A 172 -10.41 10.46 -5.47
N TYR A 173 -9.94 10.58 -4.23
CA TYR A 173 -8.63 11.18 -3.96
C TYR A 173 -7.54 10.14 -4.19
N MET A 174 -6.57 10.46 -5.05
N MET A 174 -6.57 10.47 -5.04
CA MET A 174 -5.63 9.48 -5.55
CA MET A 174 -5.64 9.46 -5.55
C MET A 174 -4.20 9.87 -5.23
C MET A 174 -4.19 9.83 -5.34
N TYR A 175 -3.42 8.84 -4.86
CA TYR A 175 -1.98 8.94 -4.69
C TYR A 175 -1.35 7.82 -5.52
N MET A 176 -0.59 8.21 -6.56
N MET A 176 -0.52 8.21 -6.49
CA MET A 176 0.10 7.19 -7.37
CA MET A 176 0.09 7.22 -7.36
C MET A 176 1.24 6.59 -6.57
C MET A 176 1.28 6.61 -6.63
N ASP A 177 1.44 5.28 -6.69
CA ASP A 177 2.59 4.67 -6.05
C ASP A 177 3.88 5.24 -6.64
N ALA A 178 4.85 5.53 -5.77
CA ALA A 178 6.12 6.09 -6.20
C ALA A 178 7.29 5.40 -5.50
N GLY A 179 7.21 4.09 -5.30
CA GLY A 179 8.36 3.40 -4.74
C GLY A 179 8.70 3.92 -3.36
N HIS A 180 10.00 4.04 -3.10
CA HIS A 180 10.50 4.45 -1.79
C HIS A 180 11.86 5.08 -1.99
N ALA A 181 12.45 5.56 -0.89
CA ALA A 181 13.70 6.32 -0.97
C ALA A 181 14.83 5.52 -1.62
N GLY A 182 14.86 4.20 -1.41
CA GLY A 182 15.90 3.37 -1.97
C GLY A 182 15.66 2.93 -3.39
N TRP A 183 14.53 3.34 -3.95
CA TRP A 183 14.18 3.04 -5.34
C TRP A 183 14.28 4.32 -6.15
N LEU A 184 13.35 5.26 -5.97
CA LEU A 184 13.33 6.50 -6.72
C LEU A 184 13.97 7.67 -5.99
N GLY A 185 14.35 7.51 -4.73
CA GLY A 185 14.91 8.60 -3.95
C GLY A 185 16.39 8.85 -4.16
N TRP A 186 17.12 7.91 -4.75
CA TRP A 186 18.47 8.21 -5.19
C TRP A 186 18.45 9.53 -5.94
N PRO A 187 19.34 10.47 -5.62
CA PRO A 187 19.28 11.79 -6.29
C PRO A 187 19.19 11.70 -7.80
N ALA A 188 19.94 10.76 -8.41
CA ALA A 188 19.94 10.64 -9.85
C ALA A 188 18.63 10.12 -10.42
N ASN A 189 17.79 9.48 -9.62
CA ASN A 189 16.49 9.00 -10.11
C ASN A 189 15.38 10.02 -9.95
N LEU A 190 15.63 11.13 -9.25
CA LEU A 190 14.56 12.07 -8.93
C LEU A 190 14.00 12.76 -10.17
N SER A 191 14.90 13.24 -11.05
N SER A 191 14.86 13.42 -10.94
CA SER A 191 14.45 13.93 -12.26
CA SER A 191 14.35 14.10 -12.12
C SER A 191 13.66 13.04 -13.21
C SER A 191 13.75 13.12 -13.13
N PRO A 192 14.16 11.87 -13.63
N PRO A 192 14.32 11.93 -13.35
CA PRO A 192 13.35 11.00 -14.49
CA PRO A 192 13.60 10.93 -14.17
C PRO A 192 12.05 10.56 -13.81
C PRO A 192 12.23 10.58 -13.62
N ALA A 193 12.05 10.38 -12.49
N ALA A 193 12.12 10.36 -12.31
CA ALA A 193 10.81 10.10 -11.77
CA ALA A 193 10.82 10.00 -11.73
C ALA A 193 9.83 11.25 -11.91
C ALA A 193 9.83 11.14 -11.84
N ALA A 194 10.30 12.48 -11.67
N ALA A 194 10.26 12.35 -11.46
CA ALA A 194 9.41 13.63 -11.81
CA ALA A 194 9.37 13.50 -11.51
C ALA A 194 8.88 13.76 -13.23
C ALA A 194 8.84 13.73 -12.92
N GLN A 195 9.75 13.54 -14.23
N GLN A 195 9.69 13.55 -13.94
CA GLN A 195 9.29 13.61 -15.61
CA GLN A 195 9.27 13.71 -15.31
C GLN A 195 8.18 12.61 -15.87
C GLN A 195 8.15 12.74 -15.68
N LEU A 196 8.34 11.39 -15.34
N LEU A 196 8.32 11.45 -15.35
CA LEU A 196 7.32 10.37 -15.52
CA LEU A 196 7.33 10.45 -15.76
C LEU A 196 6.02 10.75 -14.80
C LEU A 196 6.00 10.67 -15.04
N PHE A 197 6.10 11.07 -13.50
N PHE A 197 6.06 10.95 -13.73
CA PHE A 197 4.87 11.33 -12.76
CA PHE A 197 4.81 11.15 -12.99
C PHE A 197 4.14 12.56 -13.30
C PHE A 197 4.09 12.42 -13.45
N THR A 198 4.89 13.56 -13.76
N THR A 198 4.83 13.52 -13.70
CA THR A 198 4.26 14.75 -14.31
CA THR A 198 4.17 14.73 -14.19
C THR A 198 3.54 14.44 -15.62
C THR A 198 3.58 14.53 -15.57
N GLN A 199 4.16 13.64 -16.50
N GLN A 199 4.20 13.69 -16.40
CA GLN A 199 3.51 13.27 -17.76
CA GLN A 199 3.60 13.34 -17.68
C GLN A 199 2.22 12.50 -17.51
C GLN A 199 2.28 12.60 -17.47
N VAL A 200 2.25 11.60 -16.53
N VAL A 200 2.27 11.66 -16.52
CA VAL A 200 1.07 10.85 -16.14
CA VAL A 200 1.06 10.91 -16.22
C VAL A 200 -0.03 11.81 -15.64
C VAL A 200 -0.03 11.82 -15.66
N TRP A 201 0.35 12.74 -14.77
CA TRP A 201 -0.61 13.71 -14.25
C TRP A 201 -1.20 14.57 -15.37
N GLN A 202 -0.35 15.01 -16.32
CA GLN A 202 -0.83 15.79 -17.46
CA GLN A 202 -0.82 15.78 -17.46
C GLN A 202 -1.79 14.99 -18.32
N ASN A 203 -1.45 13.72 -18.59
CA ASN A 203 -2.30 12.93 -19.49
C ASN A 203 -3.68 12.71 -18.88
N ALA A 204 -3.78 12.67 -17.56
CA ALA A 204 -5.04 12.51 -16.86
C ALA A 204 -5.72 13.84 -16.55
N GLY A 205 -5.27 14.92 -17.20
CA GLY A 205 -5.96 16.19 -17.12
C GLY A 205 -5.65 17.03 -15.91
N LYS A 206 -4.60 16.70 -15.16
N LYS A 206 -4.61 16.70 -15.15
CA LYS A 206 -4.19 17.49 -13.99
CA LYS A 206 -4.22 17.51 -14.00
C LYS A 206 -5.31 17.60 -12.97
C LYS A 206 -5.39 17.66 -13.03
N SER A 207 -6.17 16.59 -12.86
CA SER A 207 -7.33 16.67 -11.99
C SER A 207 -6.89 17.00 -10.57
N PRO A 208 -7.57 17.91 -9.86
CA PRO A 208 -7.22 18.17 -8.45
CA PRO A 208 -7.19 18.16 -8.46
C PRO A 208 -7.37 16.96 -7.56
N PHE A 209 -8.12 15.94 -8.00
CA PHE A 209 -8.24 14.71 -7.22
C PHE A 209 -6.96 13.87 -7.26
N ILE A 210 -6.07 14.14 -8.21
CA ILE A 210 -4.76 13.48 -8.24
C ILE A 210 -3.86 14.23 -7.28
N LYS A 211 -3.89 13.82 -6.02
CA LYS A 211 -3.27 14.62 -4.96
C LYS A 211 -1.76 14.56 -4.99
N GLY A 212 -1.20 13.42 -5.38
CA GLY A 212 0.23 13.25 -5.31
C GLY A 212 0.59 11.78 -5.34
N LEU A 213 1.49 11.39 -4.44
CA LEU A 213 2.20 10.12 -4.51
C LEU A 213 2.15 9.41 -3.16
N ALA A 214 2.20 8.08 -3.23
CA ALA A 214 2.31 7.21 -2.06
C ALA A 214 3.68 6.56 -2.05
N THR A 215 4.33 6.53 -0.89
CA THR A 215 5.66 5.95 -0.81
C THR A 215 5.74 4.89 0.29
N ASN A 216 6.74 4.03 0.15
CA ASN A 216 7.07 2.96 1.09
C ASN A 216 5.99 1.89 1.20
N VAL A 217 5.06 1.86 0.23
N VAL A 217 5.09 1.77 0.21
CA VAL A 217 3.99 0.88 0.24
CA VAL A 217 4.00 0.80 0.28
C VAL A 217 4.59 -0.52 0.23
C VAL A 217 4.57 -0.60 0.44
N ALA A 218 4.17 -1.34 1.18
N ALA A 218 4.11 -1.31 1.48
CA ALA A 218 4.64 -2.71 1.33
CA ALA A 218 4.51 -2.68 1.76
C ALA A 218 6.12 -2.79 1.66
C ALA A 218 5.99 -2.83 2.08
N ASN A 219 6.71 -1.72 2.20
CA ASN A 219 8.14 -1.70 2.45
C ASN A 219 8.40 -1.37 3.93
N TYR A 220 9.64 -0.97 4.24
CA TYR A 220 10.18 -1.01 5.59
C TYR A 220 10.99 0.22 5.95
N ASN A 221 11.09 1.21 5.07
CA ASN A 221 11.95 2.35 5.35
C ASN A 221 11.38 3.19 6.51
N ALA A 222 12.29 3.88 7.20
CA ALA A 222 11.87 4.88 8.16
C ALA A 222 11.28 6.08 7.44
N LEU A 223 10.30 6.71 8.06
CA LEU A 223 9.94 8.06 7.65
C LEU A 223 11.05 9.04 8.00
N GLN A 224 11.50 9.00 9.25
N GLN A 224 11.46 9.06 9.28
CA GLN A 224 12.60 9.84 9.73
CA GLN A 224 12.58 9.89 9.74
C GLN A 224 13.53 8.97 10.57
C GLN A 224 13.52 9.01 10.56
N ALA A 225 14.79 8.92 10.17
N ALA A 225 14.60 8.57 9.92
CA ALA A 225 15.78 8.08 10.83
CA ALA A 225 15.54 7.64 10.55
C ALA A 225 16.88 8.97 11.42
C ALA A 225 16.31 8.34 11.65
N ALA A 226 17.18 8.76 12.70
N ALA A 226 16.51 7.61 12.77
CA ALA A 226 18.26 9.51 13.33
CA ALA A 226 17.35 8.12 13.85
C ALA A 226 19.62 9.08 12.81
C ALA A 226 18.82 8.13 13.43
N SER A 227 19.76 7.81 12.41
N SER A 227 19.23 7.15 12.63
CA SER A 227 20.99 7.36 11.78
CA SER A 227 20.59 7.00 12.15
C SER A 227 20.64 6.53 10.55
C SER A 227 20.43 6.24 10.85
N PRO A 228 21.40 6.68 9.47
N PRO A 228 21.16 6.61 9.79
CA PRO A 228 21.08 5.95 8.24
CA PRO A 228 20.94 5.94 8.49
C PRO A 228 21.25 4.44 8.43
C PRO A 228 21.17 4.44 8.58
N ASP A 229 20.28 3.69 7.93
CA ASP A 229 20.40 2.24 7.87
C ASP A 229 21.59 1.91 6.96
N PRO A 230 22.47 0.98 7.34
N PRO A 230 22.46 0.97 7.35
CA PRO A 230 23.64 0.68 6.48
CA PRO A 230 23.63 0.65 6.50
C PRO A 230 23.29 0.29 5.06
C PRO A 230 23.28 0.26 5.07
N ILE A 231 22.07 -0.23 4.81
CA ILE A 231 21.69 -0.56 3.45
C ILE A 231 21.67 0.65 2.52
N THR A 232 21.64 1.86 3.08
CA THR A 232 21.43 3.09 2.31
C THR A 232 22.73 3.71 1.82
N GLN A 233 23.89 3.13 2.12
N GLN A 233 23.87 3.06 2.03
CA GLN A 233 25.15 3.77 1.80
CA GLN A 233 25.17 3.66 1.73
C GLN A 233 25.22 4.15 0.32
C GLN A 233 25.22 4.14 0.28
N GLY A 234 25.61 5.39 0.08
CA GLY A 234 25.68 5.97 -1.23
C GLY A 234 24.52 6.88 -1.57
N ASN A 235 23.41 6.78 -0.82
CA ASN A 235 22.21 7.57 -1.08
C ASN A 235 22.01 8.56 0.06
N PRO A 236 22.14 9.86 -0.17
CA PRO A 236 21.87 10.82 0.92
C PRO A 236 20.42 10.84 1.34
N ASN A 237 19.52 10.33 0.52
CA ASN A 237 18.11 10.27 0.86
C ASN A 237 17.81 8.90 1.45
N TYR A 238 18.13 8.76 2.74
CA TYR A 238 18.16 7.47 3.42
C TYR A 238 16.85 7.13 4.11
N ASP A 239 15.88 8.03 4.07
CA ASP A 239 14.56 7.79 4.65
C ASP A 239 13.52 8.49 3.78
N GLU A 240 12.25 8.25 4.11
CA GLU A 240 11.20 8.76 3.24
C GLU A 240 11.09 10.28 3.28
N ILE A 241 11.34 10.91 4.44
CA ILE A 241 11.26 12.37 4.47
CA ILE A 241 11.28 12.37 4.51
C ILE A 241 12.29 13.00 3.56
N HIS A 242 13.52 12.44 3.51
CA HIS A 242 14.51 13.01 2.59
C HIS A 242 14.05 12.85 1.14
N TYR A 243 13.54 11.67 0.79
CA TYR A 243 13.06 11.41 -0.56
C TYR A 243 11.97 12.42 -0.93
N ILE A 244 10.96 12.54 -0.08
CA ILE A 244 9.81 13.40 -0.37
C ILE A 244 10.23 14.86 -0.45
N ASN A 245 11.08 15.31 0.48
CA ASN A 245 11.59 16.69 0.47
CA ASN A 245 11.50 16.71 0.43
C ASN A 245 12.30 17.00 -0.84
N ALA A 246 12.97 15.99 -1.41
CA ALA A 246 13.73 16.19 -2.64
C ALA A 246 12.84 16.13 -3.87
N LEU A 247 11.83 15.26 -3.88
CA LEU A 247 11.00 15.07 -5.06
C LEU A 247 9.91 16.13 -5.18
N ALA A 248 9.28 16.50 -4.06
CA ALA A 248 8.15 17.42 -4.10
C ALA A 248 8.42 18.70 -4.88
N PRO A 249 9.54 19.40 -4.68
CA PRO A 249 9.75 20.65 -5.44
C PRO A 249 9.83 20.44 -6.95
N LEU A 250 10.27 19.27 -7.40
CA LEU A 250 10.31 19.03 -8.84
C LEU A 250 8.89 18.94 -9.40
N LEU A 251 7.98 18.31 -8.67
CA LEU A 251 6.58 18.27 -9.08
C LEU A 251 5.96 19.66 -9.04
N GLN A 252 6.26 20.44 -7.98
N GLN A 252 6.25 20.44 -7.99
CA GLN A 252 5.74 21.79 -7.86
CA GLN A 252 5.63 21.76 -7.88
C GLN A 252 6.08 22.63 -9.08
C GLN A 252 6.14 22.72 -8.93
N GLN A 253 7.31 22.48 -9.60
N GLN A 253 7.42 22.61 -9.31
CA GLN A 253 7.76 23.29 -10.72
CA GLN A 253 7.94 23.44 -10.39
C GLN A 253 6.92 23.06 -11.98
C GLN A 253 7.21 23.14 -11.69
N ALA A 254 6.31 21.89 -12.09
N ALA A 254 6.87 21.87 -11.91
CA ALA A 254 5.45 21.55 -13.21
CA ALA A 254 6.10 21.45 -13.07
C ALA A 254 4.02 22.05 -13.04
C ALA A 254 4.63 21.87 -13.01
N GLY A 255 3.71 22.71 -11.92
N GLY A 255 4.23 22.56 -11.94
CA GLY A 255 2.36 23.13 -11.63
CA GLY A 255 2.88 23.05 -11.79
C GLY A 255 1.55 22.15 -10.81
C GLY A 255 1.96 22.20 -10.94
N TRP A 256 2.18 21.09 -10.30
N TRP A 256 2.48 21.17 -10.28
CA TRP A 256 1.52 20.08 -9.48
CA TRP A 256 1.65 20.20 -9.56
C TRP A 256 2.07 20.23 -8.06
C TRP A 256 1.80 20.40 -8.06
N ASP A 257 1.30 20.93 -7.21
N ASP A 257 0.72 20.80 -7.41
CA ASP A 257 1.67 21.06 -5.80
CA ASP A 257 0.70 21.03 -5.96
C ASP A 257 1.29 19.78 -5.08
C ASP A 257 0.53 19.68 -5.25
N ALA A 258 2.10 18.75 -5.31
N ALA A 258 1.59 18.88 -5.33
CA ALA A 258 1.76 17.39 -4.94
CA ALA A 258 1.53 17.47 -4.92
C ALA A 258 1.99 17.17 -3.44
C ALA A 258 1.76 17.29 -3.42
N THR A 259 1.11 16.38 -2.84
N THR A 259 1.04 16.34 -2.85
CA THR A 259 1.29 15.91 -1.47
CA THR A 259 1.25 15.90 -1.47
C THR A 259 1.44 14.39 -1.47
C THR A 259 1.31 14.37 -1.44
N PHE A 260 1.74 13.85 -0.29
CA PHE A 260 2.21 12.48 -0.19
C PHE A 260 1.57 11.75 0.97
N ILE A 261 1.50 10.43 0.85
CA ILE A 261 1.22 9.55 1.97
C ILE A 261 2.34 8.52 2.05
N VAL A 262 2.63 8.07 3.26
CA VAL A 262 3.76 7.17 3.51
C VAL A 262 3.29 5.98 4.34
N ASP A 263 3.48 4.78 3.80
CA ASP A 263 3.20 3.56 4.55
C ASP A 263 4.25 3.41 5.65
N GLN A 264 3.80 3.20 6.88
CA GLN A 264 4.69 2.87 7.99
C GLN A 264 4.28 1.58 8.70
N GLY A 265 3.37 0.81 8.11
N GLY A 265 3.36 0.80 8.13
CA GLY A 265 2.85 -0.37 8.79
CA GLY A 265 2.83 -0.37 8.81
C GLY A 265 3.91 -1.36 9.19
C GLY A 265 3.81 -1.50 9.03
N LYS A 266 4.94 -1.55 8.35
N LYS A 266 4.97 -1.48 8.36
CA LYS A 266 6.00 -2.51 8.62
CA LYS A 266 6.00 -2.48 8.56
C LYS A 266 7.35 -1.84 8.89
C LYS A 266 7.35 -1.82 8.83
N SER A 267 7.33 -0.60 9.38
CA SER A 267 8.54 0.21 9.54
C SER A 267 8.98 0.40 10.98
N GLY A 268 8.37 -0.29 11.94
CA GLY A 268 8.72 -0.11 13.33
C GLY A 268 10.15 -0.49 13.68
N VAL A 269 10.74 -1.42 12.93
CA VAL A 269 12.09 -1.90 13.19
C VAL A 269 12.96 -1.59 11.98
N GLN A 270 14.01 -0.80 12.21
CA GLN A 270 14.97 -0.45 11.19
C GLN A 270 16.17 -1.38 11.28
N ASN A 271 17.03 -1.33 10.26
CA ASN A 271 18.30 -2.05 10.27
C ASN A 271 18.09 -3.57 10.32
N ILE A 272 17.13 -4.05 9.53
N ILE A 272 17.15 -4.07 9.51
CA ILE A 272 16.81 -5.47 9.45
CA ILE A 272 16.84 -5.50 9.47
C ILE A 272 17.17 -6.11 8.11
C ILE A 272 16.88 -6.09 8.06
N ARG A 273 17.58 -5.33 7.11
N ARG A 273 17.15 -5.30 7.03
CA ARG A 273 17.80 -5.86 5.76
CA ARG A 273 17.43 -5.87 5.72
C ARG A 273 19.29 -5.97 5.45
C ARG A 273 18.92 -6.07 5.53
N GLN A 274 19.65 -7.00 4.68
N GLN A 274 19.28 -7.09 4.75
CA GLN A 274 21.02 -7.07 4.17
CA GLN A 274 20.67 -7.24 4.37
C GLN A 274 21.22 -6.09 3.03
C GLN A 274 21.06 -6.33 3.20
N GLN A 275 20.33 -6.11 2.04
N GLN A 275 20.17 -6.17 2.22
CA GLN A 275 20.37 -5.21 0.91
CA GLN A 275 20.35 -5.17 1.16
C GLN A 275 19.06 -4.45 0.84
C GLN A 275 19.05 -4.42 0.94
N TRP A 276 19.15 -3.20 0.39
CA TRP A 276 17.98 -2.33 0.36
C TRP A 276 16.85 -2.89 -0.50
N GLY A 277 17.17 -3.59 -1.58
CA GLY A 277 16.15 -4.13 -2.45
C GLY A 277 15.43 -5.36 -1.94
N ASP A 278 15.82 -5.91 -0.79
CA ASP A 278 15.16 -7.11 -0.26
C ASP A 278 13.80 -6.70 0.30
N TRP A 279 12.72 -7.16 -0.33
CA TRP A 279 11.39 -6.64 -0.05
C TRP A 279 10.43 -7.63 0.57
N CYS A 280 10.75 -8.93 0.55
CA CYS A 280 9.75 -9.97 0.81
C CYS A 280 9.85 -10.47 2.24
N ASN A 281 8.78 -10.25 3.00
CA ASN A 281 8.62 -10.82 4.34
C ASN A 281 9.86 -10.65 5.20
N ILE A 282 10.39 -9.43 5.28
CA ILE A 282 11.67 -9.27 5.98
C ILE A 282 11.52 -9.63 7.45
N LYS A 283 12.46 -10.47 7.91
N LYS A 283 12.38 -10.53 7.90
CA LYS A 283 12.45 -11.00 9.27
CA LYS A 283 12.21 -11.08 9.24
C LYS A 283 12.62 -9.90 10.30
C LYS A 283 12.62 -10.04 10.29
N GLY A 284 11.81 -9.95 11.35
CA GLY A 284 11.98 -9.01 12.43
C GLY A 284 11.22 -7.72 12.27
N ALA A 285 10.44 -7.56 11.20
CA ALA A 285 9.69 -6.34 11.02
C ALA A 285 8.70 -6.17 12.17
N GLY A 286 8.49 -4.91 12.56
CA GLY A 286 7.52 -4.56 13.57
C GLY A 286 6.53 -3.53 13.05
N PHE A 287 5.32 -3.57 13.58
CA PHE A 287 4.36 -2.52 13.23
C PHE A 287 4.97 -1.15 13.56
N GLY A 288 4.82 -0.19 12.66
CA GLY A 288 5.35 1.14 12.86
C GLY A 288 4.31 2.16 13.29
N THR A 289 4.64 3.43 13.06
CA THR A 289 3.78 4.53 13.48
C THR A 289 2.36 4.31 12.98
N ARG A 290 1.39 4.47 13.87
CA ARG A 290 0.01 4.27 13.45
CA ARG A 290 -0.01 4.29 13.49
C ARG A 290 -0.43 5.40 12.53
N PRO A 291 -1.41 5.13 11.66
CA PRO A 291 -1.88 6.17 10.73
C PRO A 291 -2.27 7.45 11.45
N THR A 292 -1.86 8.58 10.86
CA THR A 292 -2.11 9.89 11.44
C THR A 292 -1.82 10.97 10.42
N THR A 293 -2.57 12.06 10.49
CA THR A 293 -2.23 13.25 9.72
C THR A 293 -1.18 14.11 10.41
N ASN A 294 -0.78 13.77 11.63
N ASN A 294 -0.66 13.68 11.57
CA ASN A 294 0.25 14.50 12.36
CA ASN A 294 0.50 14.31 12.20
C ASN A 294 1.59 13.96 11.86
C ASN A 294 1.76 13.71 11.61
N THR A 295 1.98 14.40 10.68
N THR A 295 2.17 14.24 10.47
CA THR A 295 3.10 13.81 9.97
CA THR A 295 3.28 13.68 9.71
C THR A 295 4.41 14.54 10.22
C THR A 295 4.59 14.37 9.99
N GLY A 296 4.36 15.85 10.47
N GLY A 296 4.55 15.49 10.72
CA GLY A 296 5.58 16.62 10.61
CA GLY A 296 5.73 16.28 11.02
C GLY A 296 6.20 17.13 9.32
C GLY A 296 6.45 16.80 9.80
N SER A 297 5.51 16.99 8.18
N SER A 297 5.79 16.79 8.64
CA SER A 297 6.02 17.48 6.90
CA SER A 297 6.47 17.06 7.39
C SER A 297 4.95 18.23 6.15
C SER A 297 5.56 17.85 6.45
N GLN A 298 5.32 19.39 5.60
N GLN A 298 6.12 18.91 5.86
CA GLN A 298 4.43 20.14 4.72
CA GLN A 298 5.33 19.90 5.13
C GLN A 298 3.92 19.29 3.57
C GLN A 298 4.52 19.34 3.97
N PHE A 299 4.71 18.34 3.11
N PHE A 299 4.97 18.25 3.31
CA PHE A 299 4.38 17.58 1.92
CA PHE A 299 4.34 17.76 2.09
C PHE A 299 3.50 16.39 2.22
C PHE A 299 3.62 16.41 2.25
N ILE A 300 3.41 15.95 3.48
CA ILE A 300 2.86 14.63 3.78
C ILE A 300 1.48 14.80 4.44
N ASP A 301 0.44 14.35 3.74
CA ASP A 301 -0.93 14.43 4.25
C ASP A 301 -1.16 13.41 5.36
N SER A 302 -0.59 12.21 5.23
CA SER A 302 -0.84 11.18 6.23
C SER A 302 0.22 10.11 6.22
N ILE A 303 0.58 9.64 7.41
CA ILE A 303 1.13 8.31 7.59
C ILE A 303 -0.03 7.33 7.49
N VAL A 304 0.17 6.23 6.78
CA VAL A 304 -0.89 5.27 6.49
C VAL A 304 -0.34 3.85 6.70
N TRP A 305 -1.24 2.87 6.75
CA TRP A 305 -0.90 1.44 6.71
C TRP A 305 -1.54 0.92 5.43
N VAL A 306 -0.77 0.90 4.34
CA VAL A 306 -1.31 0.46 3.05
C VAL A 306 -1.29 -1.06 2.96
N LYS A 307 -0.12 -1.66 3.09
N LYS A 307 -0.10 -1.65 3.01
CA LYS A 307 -0.05 -3.11 3.22
CA LYS A 307 -0.02 -3.10 2.97
C LYS A 307 -0.72 -3.54 4.52
C LYS A 307 -0.48 -3.66 4.30
N PRO A 308 -1.57 -4.58 4.52
N PRO A 308 -1.42 -4.62 4.30
CA PRO A 308 -2.15 -5.04 5.78
CA PRO A 308 -1.83 -5.26 5.55
C PRO A 308 -1.16 -5.98 6.46
C PRO A 308 -0.75 -6.17 6.09
N GLY A 309 -0.42 -5.46 7.44
N GLY A 309 -0.02 -5.69 7.10
CA GLY A 309 0.64 -6.21 8.08
CA GLY A 309 0.99 -6.49 7.75
C GLY A 309 0.14 -7.50 8.69
C GLY A 309 0.43 -7.80 8.24
N GLY A 310 0.82 -8.59 8.40
N GLY A 310 1.08 -8.91 7.87
CA GLY A 310 0.37 -9.92 8.76
CA GLY A 310 0.59 -10.24 8.15
C GLY A 310 -0.01 -10.75 7.56
C GLY A 310 0.23 -11.01 6.91
N GLU A 311 -0.41 -10.12 6.46
N GLU A 311 -0.19 -10.32 5.85
CA GLU A 311 -0.65 -10.83 5.22
CA GLU A 311 -0.35 -10.96 4.55
C GLU A 311 0.67 -10.98 4.47
C GLU A 311 0.99 -11.04 3.86
N SER A 312 0.94 -12.19 3.98
N SER A 312 1.32 -12.22 3.34
CA SER A 312 2.23 -12.49 3.37
CA SER A 312 2.66 -12.47 2.84
C SER A 312 2.49 -11.62 2.15
C SER A 312 2.98 -11.62 1.61
N ASP A 313 3.77 -11.31 1.93
N ASP A 313 4.26 -11.30 1.46
CA ASP A 313 4.21 -10.65 0.71
CA ASP A 313 4.75 -10.67 0.24
C ASP A 313 4.39 -11.63 -0.45
C ASP A 313 5.00 -11.67 -0.87
N GLY A 314 4.44 -12.92 -0.18
N GLY A 314 5.01 -12.96 -0.57
CA GLY A 314 4.72 -13.91 -1.20
CA GLY A 314 5.26 -13.97 -1.58
C GLY A 314 5.23 -15.20 -0.57
C GLY A 314 5.71 -15.27 -0.96
N THR A 315 5.05 -16.29 -1.33
N THR A 315 5.56 -16.34 -1.73
CA THR A 315 5.41 -17.61 -0.82
CA THR A 315 5.90 -17.69 -1.27
C THR A 315 6.91 -17.83 -0.90
C THR A 315 7.41 -17.90 -1.27
N SER A 316 7.42 -18.61 0.05
N SER A 316 7.88 -18.64 -0.28
CA SER A 316 8.79 -19.10 0.00
CA SER A 316 9.28 -19.07 -0.24
C SER A 316 8.87 -20.51 -0.58
C SER A 316 9.48 -20.46 -0.85
N ASN A 317 7.75 -21.07 -1.01
N ASN A 317 8.41 -21.13 -1.26
CA ASN A 317 7.69 -22.43 -1.53
CA ASN A 317 8.51 -22.48 -1.80
C ASN A 317 8.17 -22.42 -2.98
C ASN A 317 8.94 -22.41 -3.26
N SER A 318 9.37 -22.95 -3.22
N SER A 318 10.13 -22.96 -3.56
CA SER A 318 9.90 -22.93 -4.57
CA SER A 318 10.76 -22.84 -4.86
C SER A 318 9.18 -23.89 -5.53
C SER A 318 10.06 -23.63 -5.96
N SER A 319 8.22 -24.67 -5.04
N SER A 319 8.93 -24.27 -5.67
CA SER A 319 7.37 -25.48 -5.89
CA SER A 319 8.19 -25.03 -6.67
C SER A 319 6.10 -24.76 -6.32
C SER A 319 6.89 -24.35 -7.11
N SER A 320 5.80 -23.60 -5.72
N SER A 320 6.51 -23.25 -6.48
CA SER A 320 4.63 -22.84 -6.14
CA SER A 320 5.28 -22.55 -6.83
C SER A 320 4.93 -22.15 -7.47
C SER A 320 5.45 -21.80 -8.15
N PRO A 321 3.96 -22.08 -8.39
N PRO A 321 4.43 -21.81 -9.01
CA PRO A 321 4.17 -21.30 -9.62
CA PRO A 321 4.50 -20.98 -10.23
C PRO A 321 4.32 -19.82 -9.37
C PRO A 321 4.64 -19.50 -9.93
N ARG A 322 4.02 -19.34 -8.16
N ARG A 322 4.26 -19.05 -8.73
CA ARG A 322 4.15 -17.94 -7.79
CA ARG A 322 4.46 -17.67 -8.32
C ARG A 322 5.45 -17.65 -7.05
C ARG A 322 5.63 -17.50 -7.37
N TYR A 323 6.44 -18.54 -7.15
CA TYR A 323 7.64 -18.41 -6.36
C TYR A 323 8.58 -17.34 -6.91
N ASP A 324 8.97 -16.41 -6.04
CA ASP A 324 9.98 -15.41 -6.34
C ASP A 324 11.09 -15.60 -5.31
N SER A 325 12.32 -15.87 -5.79
CA SER A 325 13.42 -16.23 -4.91
C SER A 325 13.75 -15.15 -3.89
N THR A 326 13.32 -13.90 -4.12
CA THR A 326 13.49 -12.88 -3.09
C THR A 326 12.89 -13.33 -1.76
N CYS A 327 11.82 -14.13 -1.83
CA CYS A 327 11.12 -14.59 -0.64
C CYS A 327 11.83 -15.74 0.08
N SER A 328 13.02 -16.12 -0.40
N SER A 328 12.88 -16.30 -0.48
CA SER A 328 13.90 -17.11 0.23
CA SER A 328 13.60 -17.35 0.23
C SER A 328 15.28 -16.56 0.58
C SER A 328 14.97 -16.87 0.70
N LEU A 329 15.50 -15.25 0.49
N LEU A 329 15.25 -15.58 0.56
CA LEU A 329 16.79 -14.66 0.83
CA LEU A 329 16.49 -15.03 1.08
C LEU A 329 17.06 -14.82 2.33
C LEU A 329 16.58 -15.26 2.59
N PRO A 330 18.33 -14.70 2.76
N PRO A 330 17.79 -15.35 3.13
CA PRO A 330 18.66 -14.99 4.17
CA PRO A 330 17.93 -15.47 4.59
C PRO A 330 17.93 -14.13 5.21
C PRO A 330 17.34 -14.31 5.35
N ASP A 331 17.23 -13.10 4.79
CA ASP A 331 16.55 -12.10 5.59
C ASP A 331 15.04 -12.13 5.41
N ALA A 332 14.53 -13.11 4.65
CA ALA A 332 13.10 -13.33 4.47
C ALA A 332 12.62 -14.40 5.43
N ALA A 333 11.50 -14.13 6.11
CA ALA A 333 10.93 -15.10 7.03
C ALA A 333 10.37 -16.29 6.27
N GLN A 334 10.77 -17.50 6.68
CA GLN A 334 10.41 -18.73 5.99
C GLN A 334 10.07 -19.81 7.02
N PRO A 335 9.15 -20.73 6.68
CA PRO A 335 8.37 -20.75 5.42
C PRO A 335 7.26 -19.72 5.41
N ALA A 336 6.96 -19.17 4.23
CA ALA A 336 5.95 -18.13 4.07
C ALA A 336 4.88 -18.60 3.09
N PRO A 337 3.61 -18.28 3.35
CA PRO A 337 2.51 -18.71 2.47
C PRO A 337 2.36 -17.74 1.30
N GLU A 338 1.31 -18.01 0.50
N GLU A 338 1.44 -18.08 0.40
CA GLU A 338 1.03 -17.23 -0.68
CA GLU A 338 1.38 -17.36 -0.88
C GLU A 338 0.68 -15.79 -0.32
C GLU A 338 1.06 -15.88 -0.67
N ALA A 339 1.02 -14.89 -1.25
N ALA A 339 1.49 -15.06 -1.63
CA ALA A 339 0.79 -13.47 -1.07
CA ALA A 339 1.33 -13.61 -1.53
C ALA A 339 -0.65 -13.18 -0.71
C ALA A 339 -0.13 -13.25 -1.30
N GLY A 340 -0.83 -12.30 0.28
N GLY A 340 -0.37 -12.38 -0.32
CA GLY A 340 -2.14 -11.87 0.70
CA GLY A 340 -1.71 -11.96 0.02
C GLY A 340 -2.79 -12.74 1.74
C GLY A 340 -2.41 -12.84 1.04
N THR A 341 -2.32 -13.97 1.93
N THR A 341 -1.93 -14.05 1.27
CA THR A 341 -2.88 -14.84 2.94
CA THR A 341 -2.55 -14.95 2.23
C THR A 341 -2.21 -14.61 4.30
C THR A 341 -1.90 -14.76 3.61
N TRP A 342 -2.91 -15.00 5.36
N TRP A 342 -2.63 -15.19 4.65
CA TRP A 342 -2.45 -14.69 6.71
CA TRP A 342 -2.21 -14.92 6.02
C TRP A 342 -1.18 -15.46 7.06
C TRP A 342 -0.94 -15.68 6.37
N PHE A 343 -0.24 -14.75 7.68
N PHE A 343 -0.01 -14.99 7.02
CA PHE A 343 1.08 -15.28 8.07
CA PHE A 343 1.29 -15.51 7.41
C PHE A 343 1.19 -15.06 9.58
C PHE A 343 1.37 -15.32 8.93
N GLN A 344 0.65 -16.01 10.35
N GLN A 344 0.90 -16.31 9.69
CA GLN A 344 0.48 -15.83 11.80
CA GLN A 344 0.69 -16.13 11.12
C GLN A 344 1.79 -15.51 12.50
C GLN A 344 2.00 -15.87 11.87
N ALA A 345 2.85 -16.27 12.20
N ALA A 345 3.06 -16.61 11.55
CA ALA A 345 4.11 -16.05 12.90
CA ALA A 345 4.34 -16.38 12.22
C ALA A 345 4.65 -14.65 12.63
C ALA A 345 4.87 -14.98 11.97
N TYR A 346 4.47 -14.16 11.40
N TYR A 346 4.53 -14.40 10.81
CA TYR A 346 4.94 -12.82 11.06
CA TYR A 346 4.94 -13.04 10.52
C TYR A 346 4.14 -11.74 11.78
C TYR A 346 4.15 -12.02 11.32
N PHE A 347 2.83 -11.92 11.89
N PHE A 347 2.82 -12.21 11.39
CA PHE A 347 2.00 -10.99 12.65
CA PHE A 347 1.98 -11.34 12.21
C PHE A 347 2.42 -10.95 14.11
C PHE A 347 2.40 -11.36 13.67
N GLN A 348 2.69 -12.12 14.71
N GLN A 348 2.74 -12.54 14.19
CA GLN A 348 3.06 -12.13 16.11
CA GLN A 348 3.15 -12.64 15.59
C GLN A 348 4.34 -11.32 16.35
C GLN A 348 4.30 -11.70 15.89
N THR A 349 5.29 -11.38 15.42
N THR A 349 5.31 -11.70 15.03
CA THR A 349 6.49 -10.58 15.56
CA THR A 349 6.45 -10.80 15.23
C THR A 349 6.21 -9.09 15.31
C THR A 349 6.06 -9.34 14.99
N LEU A 350 5.36 -8.77 14.33
N LEU A 350 5.21 -9.07 13.99
CA LEU A 350 4.97 -7.37 14.13
CA LEU A 350 4.78 -7.69 13.76
C LEU A 350 4.41 -6.77 15.41
C LEU A 350 4.17 -7.11 15.03
N VAL A 351 3.63 -7.54 16.17
N VAL A 351 3.41 -7.92 15.76
CA VAL A 351 3.07 -7.06 17.44
CA VAL A 351 2.80 -7.48 17.01
C VAL A 351 4.16 -6.91 18.49
C VAL A 351 3.87 -7.35 18.10
N SER A 352 4.94 -7.97 18.70
N SER A 352 4.70 -8.37 18.27
CA SER A 352 5.97 -7.96 19.75
CA SER A 352 5.67 -8.34 19.36
C SER A 352 6.99 -6.87 19.49
C SER A 352 6.69 -7.23 19.19
N ALA A 353 7.35 -6.67 18.23
N ALA A 353 7.05 -6.89 17.95
CA ALA A 353 8.34 -5.69 17.85
CA ALA A 353 8.13 -5.95 17.67
C ALA A 353 7.73 -4.36 17.49
C ALA A 353 7.66 -4.53 17.33
N ALA A 354 6.41 -4.19 17.66
CA ALA A 354 5.81 -2.91 17.29
C ALA A 354 6.55 -1.75 17.96
N ASN A 355 6.75 -0.68 17.19
CA ASN A 355 7.41 0.51 17.69
C ASN A 355 6.81 1.72 16.98
N PRO A 356 6.11 2.61 17.70
CA PRO A 356 5.83 2.61 19.14
C PRO A 356 5.11 1.34 19.59
N PRO A 357 5.31 0.94 20.84
CA PRO A 357 4.61 -0.26 21.32
C PRO A 357 3.11 -0.06 21.22
N LEU A 358 2.41 -1.16 21.00
CA LEU A 358 0.96 -1.13 20.93
C LEU A 358 0.34 -0.93 22.30
#